data_9EUN
#
_entry.id   9EUN
#
_cell.length_a   167.550
_cell.length_b   167.550
_cell.length_c   52.050
_cell.angle_alpha   90.000
_cell.angle_beta   90.000
_cell.angle_gamma   120.000
#
_symmetry.space_group_name_H-M   'P 31 2 1'
#
loop_
_entity.id
_entity.type
_entity.pdbx_description
1 polymer "2'-O-methyltransferase nsp16"
2 polymer 'Non-structural protein 10'
3 non-polymer '2-(N-MORPHOLINO)-ETHANESULFONIC ACID'
4 non-polymer S-ADENOSYLMETHIONINE
5 non-polymer "7-METHYL-GUANOSINE-5'-TRIPHOSPHATE"
6 non-polymer 1,2-ETHANEDIOL
7 non-polymer 'ZINC ION'
8 water water
#
loop_
_entity_poly.entity_id
_entity_poly.type
_entity_poly.pdbx_seq_one_letter_code
_entity_poly.pdbx_strand_id
1 'polypeptide(L)'
;SSQAWQPGVAMPNLYKMQRMLLEKCDLQNYGDSATLPKGIMMNVAKYTQLCQYLNTLTLAVPYNMRVIHFGAGSDKGVAP
GTAVLRQWLPTGTLLVDSDLNDFVSDADSTLIGDCATVHTANKWDLIISDMYDPKTKNVTKENDSKEGFFTYICGFIQQK
LALGGSVAIKITEHSWNADLYKLMGHFAWWTAFVTNVNASSSEAFLIGCNYLGKPREQIDGYVMHANYIFWRNTNPIQLS
SYSLFDMSKFPLKLRGTAVMSLKEGQINDMILSLLSKGRLIIRENNRVVISSDVLVNNENLYFQ
;
A
2 'polypeptide(L)'
;GAGNATEVPANSTVLSFCAFAVDAAKAYKDYLASGGQPITNCVKMLCTHTGTGQAITVTPEANMDQESFGGASCCLYCRC
HIDHPNPKGFCDLKGKYVQIPTTCANDPVGFTLKNTVCTVCGMWKGYGCSCDQLREPMLQ
;
B
#
loop_
_chem_comp.id
_chem_comp.type
_chem_comp.name
_chem_comp.formula
EDO non-polymer 1,2-ETHANEDIOL 'C2 H6 O2'
MES non-polymer '2-(N-MORPHOLINO)-ETHANESULFONIC ACID' 'C6 H13 N O4 S'
MGP non-polymer 7-METHYL-GUANOSINE-5'-TRIPHOSPHATE 'C11 H19 N5 O14 P3 1'
SAM non-polymer S-ADENOSYLMETHIONINE 'C15 H22 N6 O5 S'
ZN non-polymer 'ZINC ION' 'Zn 2'
#
# COMPACT_ATOMS: atom_id res chain seq x y z
N SER A 1 -20.25 -12.15 -14.70
CA SER A 1 -19.93 -13.23 -15.68
C SER A 1 -18.43 -13.23 -15.92
N SER A 2 -17.73 -14.03 -15.12
CA SER A 2 -16.27 -14.10 -15.03
C SER A 2 -15.71 -12.94 -14.18
N GLN A 3 -16.50 -11.89 -13.89
CA GLN A 3 -16.00 -10.73 -13.16
C GLN A 3 -15.53 -11.08 -11.77
N ALA A 4 -16.19 -12.04 -11.12
CA ALA A 4 -15.93 -12.35 -9.74
C ALA A 4 -14.58 -13.02 -9.55
N TRP A 5 -13.96 -13.49 -10.63
CA TRP A 5 -12.64 -14.13 -10.56
C TRP A 5 -11.53 -13.16 -10.87
N GLN A 6 -11.84 -11.93 -10.99
CA GLN A 6 -10.87 -10.88 -11.15
C GLN A 6 -10.51 -10.28 -9.80
N PRO A 7 -9.39 -9.58 -9.70
CA PRO A 7 -9.15 -8.84 -8.46
C PRO A 7 -10.15 -7.73 -8.23
N GLY A 8 -10.74 -7.17 -9.29
CA GLY A 8 -11.69 -6.08 -9.17
C GLY A 8 -12.28 -5.74 -10.54
N VAL A 9 -12.94 -4.58 -10.63
CA VAL A 9 -13.51 -4.10 -11.88
C VAL A 9 -13.03 -2.68 -12.15
N ALA A 10 -12.57 -2.42 -13.37
CA ALA A 10 -12.19 -1.08 -13.79
C ALA A 10 -13.33 -0.40 -14.55
N MET A 11 -13.41 0.94 -14.42
CA MET A 11 -14.43 1.76 -15.07
C MET A 11 -14.41 1.49 -16.56
N PRO A 12 -15.49 0.96 -17.13
CA PRO A 12 -15.50 0.76 -18.59
C PRO A 12 -15.45 2.10 -19.31
N ASN A 13 -14.77 2.07 -20.45
CA ASN A 13 -14.50 3.28 -21.22
C ASN A 13 -15.76 4.05 -21.61
N LEU A 14 -16.85 3.34 -21.99
CA LEU A 14 -18.07 4.07 -22.37
C LEU A 14 -18.54 4.99 -21.26
N TYR A 15 -18.35 4.61 -19.99
CA TYR A 15 -18.79 5.51 -18.93
C TYR A 15 -17.87 6.73 -18.81
N LYS A 16 -16.58 6.56 -19.13
CA LYS A 16 -15.66 7.70 -19.11
C LYS A 16 -16.08 8.76 -20.09
N MET A 17 -16.82 8.37 -21.13
CA MET A 17 -17.10 9.24 -22.26
C MET A 17 -18.39 10.01 -22.12
N GLN A 18 -19.06 9.91 -20.99
CA GLN A 18 -20.41 10.42 -20.85
C GLN A 18 -20.36 11.85 -20.31
N ARG A 19 -21.52 12.48 -20.17
CA ARG A 19 -21.62 13.80 -19.57
C ARG A 19 -22.80 13.78 -18.60
N MET A 20 -22.68 12.90 -17.61
CA MET A 20 -23.66 12.79 -16.53
C MET A 20 -23.55 13.97 -15.60
N LEU A 21 -24.60 14.14 -14.80
CA LEU A 21 -24.60 15.00 -13.63
C LEU A 21 -24.45 14.16 -12.37
N LEU A 22 -23.97 14.80 -11.31
CA LEU A 22 -23.68 14.08 -10.09
C LEU A 22 -24.96 13.78 -9.33
N GLU A 23 -25.17 12.51 -9.04
CA GLU A 23 -26.26 12.08 -8.19
C GLU A 23 -25.71 11.54 -6.89
N LYS A 24 -26.61 11.18 -6.00
CA LYS A 24 -26.23 10.44 -4.82
C LYS A 24 -25.86 9.00 -5.22
N CYS A 25 -24.81 8.49 -4.60
CA CYS A 25 -24.46 7.09 -4.81
C CYS A 25 -25.36 6.21 -3.97
N ASP A 26 -25.97 5.22 -4.60
CA ASP A 26 -26.85 4.28 -3.89
C ASP A 26 -26.60 2.85 -4.38
N LEU A 27 -25.69 2.16 -3.72
CA LEU A 27 -25.26 0.82 -4.11
C LEU A 27 -26.17 -0.22 -3.51
N GLN A 28 -26.54 -1.22 -4.30
CA GLN A 28 -27.56 -2.15 -3.82
C GLN A 28 -27.03 -3.04 -2.71
N ASN A 29 -25.71 -3.29 -2.67
CA ASN A 29 -25.08 -4.10 -1.65
C ASN A 29 -24.41 -3.24 -0.57
N TYR A 30 -24.71 -1.94 -0.54
CA TYR A 30 -24.03 -1.05 0.39
C TYR A 30 -24.02 -1.61 1.79
N GLY A 31 -22.83 -1.75 2.35
CA GLY A 31 -22.67 -2.21 3.71
C GLY A 31 -22.41 -3.70 3.85
N ASP A 32 -22.73 -4.51 2.84
CA ASP A 32 -22.35 -5.93 2.88
C ASP A 32 -20.85 -6.08 3.05
N SER A 33 -20.44 -7.19 3.68
CA SER A 33 -19.03 -7.46 3.95
C SER A 33 -18.61 -8.75 3.26
N ALA A 34 -17.46 -8.70 2.60
CA ALA A 34 -16.95 -9.90 1.97
C ALA A 34 -16.52 -10.89 3.03
N THR A 35 -16.48 -12.16 2.67
CA THR A 35 -15.91 -13.18 3.53
C THR A 35 -14.43 -13.26 3.22
N LEU A 36 -13.64 -12.89 4.10
CA LEU A 36 -12.20 -12.87 3.91
C LEU A 36 -11.60 -14.22 4.31
N PRO A 37 -10.53 -14.69 3.63
CA PRO A 37 -9.86 -15.89 4.12
C PRO A 37 -9.50 -15.75 5.59
N LYS A 38 -9.22 -16.86 6.28
CA LYS A 38 -9.14 -16.86 7.72
C LYS A 38 -8.03 -15.94 8.19
N GLY A 39 -8.37 -15.07 9.15
CA GLY A 39 -7.35 -14.20 9.75
C GLY A 39 -6.70 -13.22 8.81
N ILE A 40 -7.33 -12.88 7.68
CA ILE A 40 -6.79 -11.89 6.76
C ILE A 40 -7.55 -10.57 6.95
N MET A 41 -6.82 -9.50 7.21
CA MET A 41 -7.38 -8.17 7.38
C MET A 41 -7.91 -7.63 6.05
N MET A 42 -9.00 -6.85 6.14
CA MET A 42 -9.57 -6.20 4.96
C MET A 42 -8.50 -5.52 4.11
N ASN A 43 -7.61 -4.76 4.72
CA ASN A 43 -6.69 -3.98 3.93
C ASN A 43 -5.57 -4.79 3.35
N VAL A 44 -5.28 -5.97 3.91
CA VAL A 44 -4.39 -6.87 3.18
C VAL A 44 -5.11 -7.37 1.93
N ALA A 45 -6.40 -7.72 2.06
CA ALA A 45 -7.12 -8.18 0.89
C ALA A 45 -7.27 -7.07 -0.13
N LYS A 46 -7.56 -5.84 0.33
CA LYS A 46 -7.82 -4.74 -0.60
C LYS A 46 -6.55 -4.37 -1.34
N TYR A 47 -5.44 -4.25 -0.62
CA TYR A 47 -4.18 -3.92 -1.29
C TYR A 47 -3.69 -5.05 -2.18
N THR A 48 -4.02 -6.29 -1.83
CA THR A 48 -3.60 -7.41 -2.65
C THR A 48 -4.32 -7.37 -3.98
N GLN A 49 -5.63 -7.10 -3.97
CA GLN A 49 -6.34 -6.97 -5.23
C GLN A 49 -5.89 -5.76 -6.02
N LEU A 50 -5.59 -4.65 -5.33
CA LEU A 50 -5.08 -3.48 -6.06
C LEU A 50 -3.80 -3.84 -6.81
N CYS A 51 -2.86 -4.50 -6.11
CA CYS A 51 -1.61 -4.88 -6.76
C CYS A 51 -1.84 -5.94 -7.84
N GLN A 52 -2.73 -6.92 -7.61
CA GLN A 52 -3.05 -7.86 -8.68
C GLN A 52 -3.53 -7.15 -9.95
N TYR A 53 -4.30 -6.08 -9.79
CA TYR A 53 -4.72 -5.30 -10.94
C TYR A 53 -3.56 -4.52 -11.55
N LEU A 54 -2.68 -3.97 -10.71
CA LEU A 54 -1.64 -3.15 -11.31
C LEU A 54 -0.70 -4.01 -12.14
N ASN A 55 -0.61 -5.28 -11.78
CA ASN A 55 0.17 -6.25 -12.54
C ASN A 55 -0.29 -6.36 -13.99
N THR A 56 -1.52 -5.96 -14.32
CA THR A 56 -1.99 -6.05 -15.69
C THR A 56 -1.71 -4.79 -16.51
N LEU A 57 -1.06 -3.79 -15.90
CA LEU A 57 -0.79 -2.53 -16.57
C LEU A 57 0.67 -2.46 -16.96
N THR A 58 1.00 -1.43 -17.72
CA THR A 58 2.36 -1.18 -18.18
C THR A 58 3.16 -0.28 -17.22
N LEU A 59 3.25 -0.70 -15.97
CA LEU A 59 4.05 0.07 -15.02
C LEU A 59 5.53 0.02 -15.37
N ALA A 60 6.20 1.14 -15.20
CA ALA A 60 7.65 1.15 -15.25
C ALA A 60 8.18 0.59 -13.95
N VAL A 61 9.16 -0.28 -14.04
CA VAL A 61 9.72 -0.93 -12.86
C VAL A 61 11.26 -0.89 -12.96
N PRO A 62 11.84 0.27 -12.70
CA PRO A 62 13.29 0.41 -12.77
C PRO A 62 14.00 -0.32 -11.64
N TYR A 63 15.31 -0.49 -11.82
CA TYR A 63 16.18 -0.82 -10.69
C TYR A 63 16.14 0.35 -9.70
N ASN A 64 16.30 0.03 -8.42
CA ASN A 64 16.26 1.03 -7.36
C ASN A 64 15.01 1.89 -7.45
N MET A 65 13.88 1.20 -7.51
CA MET A 65 12.60 1.85 -7.64
C MET A 65 12.25 2.60 -6.36
N ARG A 66 11.55 3.71 -6.51
CA ARG A 66 11.19 4.57 -5.40
C ARG A 66 9.68 4.63 -5.34
N VAL A 67 9.11 4.22 -4.21
CA VAL A 67 7.67 4.22 -4.03
C VAL A 67 7.33 4.97 -2.76
N ILE A 68 6.27 5.79 -2.80
CA ILE A 68 5.81 6.49 -1.61
C ILE A 68 4.33 6.21 -1.42
N HIS A 69 3.95 5.99 -0.16
CA HIS A 69 2.64 5.52 0.26
C HIS A 69 2.09 6.43 1.35
N PHE A 70 1.14 7.30 0.97
CA PHE A 70 0.44 8.18 1.90
C PHE A 70 -0.79 7.53 2.52
N GLY A 71 -1.12 7.95 3.73
CA GLY A 71 -2.26 7.36 4.41
C GLY A 71 -2.04 5.91 4.75
N ALA A 72 -0.83 5.55 5.19
CA ALA A 72 -0.46 4.17 5.43
C ALA A 72 -0.77 3.65 6.82
N GLY A 73 -1.19 4.49 7.76
CA GLY A 73 -1.47 4.06 9.12
C GLY A 73 -2.89 3.52 9.27
N SER A 74 -3.29 3.28 10.52
CA SER A 74 -4.58 2.65 10.71
C SER A 74 -4.94 2.74 12.17
N ASP A 75 -6.23 2.54 12.45
CA ASP A 75 -6.68 2.47 13.83
C ASP A 75 -6.08 1.27 14.57
N LYS A 76 -5.36 0.38 13.86
CA LYS A 76 -4.63 -0.73 14.48
C LYS A 76 -3.22 -0.36 14.93
N GLY A 77 -2.70 0.78 14.49
CA GLY A 77 -1.30 1.10 14.77
C GLY A 77 -0.28 0.37 13.93
N VAL A 78 -0.72 -0.35 12.89
CA VAL A 78 0.18 -1.05 12.00
C VAL A 78 -0.19 -0.62 10.59
N ALA A 79 0.52 -1.17 9.60
CA ALA A 79 0.40 -0.72 8.22
C ALA A 79 0.24 -1.92 7.30
N PRO A 80 -0.96 -2.50 7.22
CA PRO A 80 -1.15 -3.68 6.37
C PRO A 80 -0.92 -3.39 4.90
N GLY A 81 -1.30 -2.21 4.41
CA GLY A 81 -1.04 -1.89 3.01
C GLY A 81 0.43 -1.83 2.69
N THR A 82 1.21 -1.19 3.56
CA THR A 82 2.66 -1.18 3.34
C THR A 82 3.22 -2.59 3.25
N ALA A 83 2.78 -3.49 4.13
CA ALA A 83 3.27 -4.87 4.09
C ALA A 83 2.97 -5.52 2.74
N VAL A 84 1.77 -5.33 2.20
CA VAL A 84 1.46 -5.86 0.88
C VAL A 84 2.32 -5.19 -0.18
N LEU A 85 2.51 -3.87 -0.10
CA LEU A 85 3.31 -3.21 -1.11
C LEU A 85 4.73 -3.74 -1.10
N ARG A 86 5.28 -3.99 0.10
CA ARG A 86 6.66 -4.47 0.17
C ARG A 86 6.77 -5.92 -0.34
N GLN A 87 5.71 -6.70 -0.13
CA GLN A 87 5.63 -8.05 -0.70
C GLN A 87 5.60 -8.01 -2.23
N TRP A 88 4.81 -7.10 -2.77
CA TRP A 88 4.61 -7.01 -4.21
C TRP A 88 5.82 -6.43 -4.94
N LEU A 89 6.38 -5.36 -4.40
CA LEU A 89 7.48 -4.67 -5.07
C LEU A 89 8.75 -5.50 -5.07
N PRO A 90 9.59 -5.37 -6.08
CA PRO A 90 10.88 -6.05 -6.06
C PRO A 90 11.58 -5.83 -4.74
N THR A 91 12.27 -6.87 -4.26
CA THR A 91 13.09 -6.72 -3.08
C THR A 91 14.10 -5.61 -3.30
N GLY A 92 14.35 -4.82 -2.25
CA GLY A 92 15.26 -3.71 -2.35
C GLY A 92 14.65 -2.43 -2.87
N THR A 93 13.39 -2.47 -3.28
CA THR A 93 12.70 -1.26 -3.70
C THR A 93 12.59 -0.31 -2.52
N LEU A 94 12.96 0.95 -2.72
CA LEU A 94 12.79 1.91 -1.64
C LEU A 94 11.33 2.28 -1.46
N LEU A 95 10.84 2.14 -0.24
CA LEU A 95 9.44 2.37 0.08
C LEU A 95 9.37 3.30 1.29
N VAL A 96 8.75 4.47 1.10
CA VAL A 96 8.49 5.44 2.17
C VAL A 96 7.00 5.51 2.38
N ASP A 97 6.55 5.48 3.64
CA ASP A 97 5.14 5.68 3.92
C ASP A 97 4.97 6.79 4.96
N SER A 98 3.71 7.17 5.18
CA SER A 98 3.40 8.35 5.98
C SER A 98 1.94 8.31 6.41
N ASP A 99 1.64 9.02 7.49
CA ASP A 99 0.26 9.13 7.96
C ASP A 99 0.22 10.20 9.04
N LEU A 100 -0.97 10.76 9.24
CA LEU A 100 -1.19 11.74 10.29
C LEU A 100 -0.89 11.17 11.67
N ASN A 101 -1.26 9.92 11.92
CA ASN A 101 -1.10 9.29 13.22
C ASN A 101 -0.01 8.24 13.21
N ASP A 102 0.62 8.10 14.37
CA ASP A 102 1.73 7.17 14.53
C ASP A 102 1.25 5.74 14.30
N PHE A 103 2.15 4.93 13.73
CA PHE A 103 1.94 3.52 13.43
C PHE A 103 3.30 2.88 13.24
N VAL A 104 3.38 1.54 13.41
CA VAL A 104 4.61 0.80 13.13
C VAL A 104 4.53 0.19 11.73
N SER A 105 5.63 0.24 11.01
CA SER A 105 5.61 -0.05 9.58
C SER A 105 6.83 -0.86 9.17
N ASP A 106 6.68 -1.60 8.07
CA ASP A 106 7.81 -2.23 7.40
C ASP A 106 8.44 -1.39 6.29
N ALA A 107 8.01 -0.15 6.09
CA ALA A 107 8.68 0.72 5.12
C ALA A 107 10.11 1.03 5.55
N ASP A 108 10.94 1.34 4.56
CA ASP A 108 12.31 1.78 4.84
C ASP A 108 12.33 3.07 5.64
N SER A 109 11.27 3.87 5.58
CA SER A 109 11.25 5.06 6.38
C SER A 109 9.83 5.56 6.45
N THR A 110 9.44 6.04 7.62
CA THR A 110 8.09 6.48 7.91
C THR A 110 8.09 7.88 8.48
N LEU A 111 7.30 8.78 7.90
CA LEU A 111 7.11 10.13 8.40
C LEU A 111 5.69 10.28 8.95
N ILE A 112 5.58 10.77 10.17
CA ILE A 112 4.30 11.02 10.83
C ILE A 112 4.00 12.51 10.75
N GLY A 113 2.83 12.86 10.23
CA GLY A 113 2.33 14.22 10.24
C GLY A 113 1.36 14.42 9.09
N ASP A 114 0.65 15.53 9.12
CA ASP A 114 -0.13 15.92 7.96
C ASP A 114 0.74 15.80 6.71
N CYS A 115 0.16 15.30 5.62
CA CYS A 115 0.95 15.03 4.41
C CYS A 115 1.52 16.31 3.78
N ALA A 116 0.91 17.46 4.02
CA ALA A 116 1.46 18.68 3.48
C ALA A 116 2.78 19.09 4.15
N THR A 117 3.11 18.51 5.31
CA THR A 117 4.45 18.66 5.85
C THR A 117 5.53 17.88 5.10
N VAL A 118 5.17 16.93 4.22
CA VAL A 118 6.17 16.02 3.62
C VAL A 118 6.80 16.63 2.39
N HIS A 119 8.14 16.60 2.34
CA HIS A 119 8.91 17.08 1.22
C HIS A 119 9.94 16.03 0.84
N THR A 120 10.39 16.05 -0.41
CA THR A 120 11.36 15.09 -0.85
C THR A 120 12.23 15.76 -1.90
N ALA A 121 13.51 15.46 -1.86
CA ALA A 121 14.42 16.01 -2.86
C ALA A 121 14.22 15.30 -4.20
N ASN A 122 14.00 14.00 -4.15
CA ASN A 122 13.98 13.12 -5.30
C ASN A 122 12.56 12.95 -5.86
N LYS A 123 12.48 12.45 -7.10
CA LYS A 123 11.18 12.09 -7.69
C LYS A 123 10.88 10.61 -7.44
N TRP A 124 9.64 10.19 -7.74
CA TRP A 124 9.16 8.84 -7.48
C TRP A 124 8.61 8.16 -8.71
N ASP A 125 8.66 6.84 -8.68
CA ASP A 125 8.19 6.03 -9.78
C ASP A 125 6.77 5.54 -9.57
N LEU A 126 6.29 5.50 -8.33
CA LEU A 126 4.93 5.06 -8.01
C LEU A 126 4.50 5.74 -6.71
N ILE A 127 3.33 6.36 -6.74
CA ILE A 127 2.72 7.01 -5.58
C ILE A 127 1.39 6.32 -5.29
N ILE A 128 1.23 5.85 -4.07
CA ILE A 128 0.01 5.21 -3.59
C ILE A 128 -0.56 6.04 -2.45
N SER A 129 -1.86 6.34 -2.49
CA SER A 129 -2.52 7.03 -1.39
C SER A 129 -3.81 6.33 -0.98
N ASP A 130 -3.94 6.03 0.31
CA ASP A 130 -5.19 5.59 0.89
C ASP A 130 -5.71 6.60 1.91
N MET A 131 -5.47 7.86 1.63
CA MET A 131 -5.83 8.88 2.59
C MET A 131 -7.32 9.08 2.50
N TYR A 132 -7.95 9.21 3.68
CA TYR A 132 -9.36 9.48 3.79
C TYR A 132 -9.62 10.21 5.10
N ASP A 133 -10.36 11.31 5.01
CA ASP A 133 -10.61 12.19 6.13
C ASP A 133 -11.91 11.77 6.80
N PRO A 134 -11.87 11.29 8.05
CA PRO A 134 -13.10 10.76 8.68
C PRO A 134 -14.24 11.79 8.79
N LYS A 135 -13.94 13.09 8.83
CA LYS A 135 -14.98 14.10 8.76
C LYS A 135 -15.76 14.07 7.44
N THR A 136 -15.20 13.49 6.38
CA THR A 136 -15.96 13.31 5.15
C THR A 136 -17.27 12.55 5.39
N LYS A 137 -17.36 11.81 6.50
CA LYS A 137 -18.61 11.13 6.82
C LYS A 137 -19.74 12.09 7.16
N ASN A 138 -19.42 13.33 7.57
CA ASN A 138 -20.44 14.33 7.93
C ASN A 138 -20.88 15.09 6.69
N VAL A 139 -21.76 14.45 5.90
CA VAL A 139 -22.26 15.07 4.68
C VAL A 139 -23.37 16.04 5.08
N THR A 140 -23.13 17.34 4.88
CA THR A 140 -24.04 18.40 5.32
C THR A 140 -24.42 19.34 4.18
N LYS A 141 -24.46 18.84 2.93
CA LYS A 141 -24.29 19.74 1.77
C LYS A 141 -24.11 18.99 0.46
N GLU A 142 -24.32 19.69 -0.66
CA GLU A 142 -23.93 19.20 -1.99
C GLU A 142 -22.58 18.51 -1.92
N ASN A 143 -22.39 17.51 -2.76
CA ASN A 143 -21.13 16.80 -2.80
C ASN A 143 -20.19 17.59 -3.69
N ASP A 144 -19.43 18.51 -3.09
CA ASP A 144 -18.49 19.32 -3.84
C ASP A 144 -17.07 18.74 -3.88
N SER A 145 -16.28 19.22 -4.84
CA SER A 145 -14.88 18.83 -4.92
C SER A 145 -14.15 19.21 -3.63
N LYS A 146 -13.32 18.31 -3.15
CA LYS A 146 -12.70 18.46 -1.83
C LYS A 146 -11.25 18.87 -1.99
N GLU A 147 -10.76 19.62 -1.02
CA GLU A 147 -9.40 20.13 -1.16
C GLU A 147 -8.50 19.37 -0.20
N GLY A 148 -8.04 20.01 0.86
CA GLY A 148 -7.24 19.27 1.83
C GLY A 148 -6.12 18.48 1.20
N PHE A 149 -5.97 17.23 1.66
CA PHE A 149 -4.86 16.39 1.18
C PHE A 149 -4.90 16.18 -0.33
N PHE A 150 -6.07 16.28 -0.99
CA PHE A 150 -6.07 16.17 -2.46
C PHE A 150 -5.27 17.31 -3.11
N THR A 151 -5.38 18.53 -2.56
CA THR A 151 -4.60 19.65 -3.09
C THR A 151 -3.11 19.36 -3.01
N TYR A 152 -2.66 18.74 -1.92
CA TYR A 152 -1.26 18.34 -1.79
C TYR A 152 -0.90 17.32 -2.84
N ILE A 153 -1.77 16.30 -3.00
CA ILE A 153 -1.47 15.20 -3.90
C ILE A 153 -1.33 15.69 -5.33
N CYS A 154 -2.23 16.56 -5.78
CA CYS A 154 -2.11 17.07 -7.14
C CYS A 154 -0.77 17.77 -7.32
N GLY A 155 -0.41 18.66 -6.39
CA GLY A 155 0.91 19.28 -6.44
C GLY A 155 2.05 18.28 -6.39
N PHE A 156 1.93 17.28 -5.53
CA PHE A 156 3.00 16.31 -5.39
C PHE A 156 3.26 15.58 -6.69
N ILE A 157 2.19 15.19 -7.37
CA ILE A 157 2.33 14.49 -8.64
C ILE A 157 2.99 15.39 -9.70
N GLN A 158 2.55 16.63 -9.81
CA GLN A 158 3.11 17.49 -10.84
C GLN A 158 4.58 17.79 -10.58
N GLN A 159 4.94 17.93 -9.31
CA GLN A 159 6.30 18.29 -8.93
C GLN A 159 7.26 17.11 -8.80
N LYS A 160 6.79 15.94 -8.35
CA LYS A 160 7.69 14.92 -7.87
C LYS A 160 7.40 13.51 -8.39
N LEU A 161 6.55 13.35 -9.39
CA LEU A 161 6.35 12.06 -10.02
C LEU A 161 7.18 12.02 -11.29
N ALA A 162 8.07 11.02 -11.40
CA ALA A 162 8.88 10.88 -12.59
C ALA A 162 7.99 10.73 -13.81
N LEU A 163 8.39 11.32 -14.93
CA LEU A 163 7.75 10.94 -16.18
C LEU A 163 7.86 9.43 -16.35
N GLY A 164 6.80 8.82 -16.82
CA GLY A 164 6.74 7.38 -16.93
C GLY A 164 6.23 6.68 -15.70
N GLY A 165 6.17 7.38 -14.52
CA GLY A 165 5.66 6.82 -13.28
C GLY A 165 4.14 6.81 -13.17
N SER A 166 3.64 6.10 -12.15
CA SER A 166 2.22 5.78 -12.03
C SER A 166 1.76 6.12 -10.64
N VAL A 167 0.43 6.22 -10.50
CA VAL A 167 -0.21 6.55 -9.24
C VAL A 167 -1.47 5.73 -9.09
N ALA A 168 -1.87 5.52 -7.81
CA ALA A 168 -3.18 4.98 -7.45
C ALA A 168 -3.62 5.71 -6.18
N ILE A 169 -4.74 6.44 -6.27
CA ILE A 169 -5.15 7.40 -5.26
C ILE A 169 -6.57 7.06 -4.82
N LYS A 170 -6.77 6.78 -3.53
CA LYS A 170 -8.10 6.34 -3.11
C LYS A 170 -9.08 7.50 -3.10
N ILE A 171 -10.25 7.28 -3.71
CA ILE A 171 -11.39 8.17 -3.62
C ILE A 171 -12.61 7.39 -3.14
N THR A 172 -13.67 8.14 -2.82
CA THR A 172 -14.99 7.57 -2.56
C THR A 172 -16.01 8.49 -3.21
N GLU A 173 -17.30 8.24 -2.98
CA GLU A 173 -18.32 9.16 -3.43
C GLU A 173 -18.03 10.58 -2.98
N HIS A 174 -17.70 10.79 -1.69
CA HIS A 174 -17.57 12.14 -1.15
C HIS A 174 -16.15 12.61 -0.95
N SER A 175 -15.18 11.68 -0.89
CA SER A 175 -13.74 12.01 -0.83
C SER A 175 -13.21 11.93 -2.25
N TRP A 176 -13.28 13.05 -2.95
CA TRP A 176 -12.82 13.12 -4.34
C TRP A 176 -12.38 14.55 -4.62
N ASN A 177 -11.86 14.78 -5.82
CA ASN A 177 -11.28 16.08 -6.15
C ASN A 177 -11.18 16.22 -7.67
N ALA A 178 -11.62 17.35 -8.18
CA ALA A 178 -11.79 17.52 -9.61
C ALA A 178 -10.47 17.73 -10.33
N ASP A 179 -9.49 18.38 -9.70
CA ASP A 179 -8.18 18.47 -10.32
C ASP A 179 -7.49 17.12 -10.43
N LEU A 180 -7.75 16.19 -9.50
CA LEU A 180 -7.11 14.88 -9.59
C LEU A 180 -7.60 14.14 -10.83
N TYR A 181 -8.90 14.19 -11.09
CA TYR A 181 -9.44 13.67 -12.34
C TYR A 181 -8.86 14.38 -13.55
N LYS A 182 -8.76 15.71 -13.50
CA LYS A 182 -8.08 16.42 -14.57
C LYS A 182 -6.66 15.90 -14.80
N LEU A 183 -5.90 15.68 -13.71
CA LEU A 183 -4.53 15.19 -13.88
C LEU A 183 -4.47 13.81 -14.53
N MET A 184 -5.48 12.96 -14.29
CA MET A 184 -5.52 11.68 -14.98
C MET A 184 -5.31 11.86 -16.49
N GLY A 185 -5.80 12.96 -17.04
CA GLY A 185 -5.55 13.19 -18.44
C GLY A 185 -4.10 13.49 -18.79
N HIS A 186 -3.21 13.57 -17.81
CA HIS A 186 -1.78 13.81 -18.01
C HIS A 186 -0.98 12.52 -18.01
N PHE A 187 -1.67 11.41 -17.95
CA PHE A 187 -1.08 10.09 -18.03
C PHE A 187 -1.47 9.42 -19.35
N ALA A 188 -0.67 8.46 -19.77
CA ALA A 188 -0.96 7.77 -21.02
C ALA A 188 -2.27 6.99 -20.95
N TRP A 189 -2.70 6.63 -19.75
CA TRP A 189 -3.96 5.91 -19.56
C TRP A 189 -4.36 6.09 -18.11
N TRP A 190 -5.65 5.93 -17.84
CA TRP A 190 -6.15 6.09 -16.50
C TRP A 190 -7.45 5.30 -16.36
N THR A 191 -7.77 5.00 -15.11
CA THR A 191 -9.04 4.34 -14.81
C THR A 191 -9.37 4.55 -13.34
N ALA A 192 -10.56 4.08 -12.97
CA ALA A 192 -11.04 3.97 -11.60
C ALA A 192 -11.33 2.50 -11.33
N PHE A 193 -10.63 1.94 -10.35
CA PHE A 193 -10.59 0.49 -10.10
C PHE A 193 -11.16 0.21 -8.73
N VAL A 194 -12.20 -0.65 -8.69
CA VAL A 194 -12.92 -1.03 -7.48
C VAL A 194 -12.50 -2.44 -7.14
N THR A 195 -11.95 -2.67 -5.95
CA THR A 195 -11.60 -4.03 -5.58
C THR A 195 -12.86 -4.87 -5.34
N ASN A 196 -12.75 -6.18 -5.58
CA ASN A 196 -13.90 -7.06 -5.39
C ASN A 196 -14.23 -7.31 -3.92
N VAL A 197 -13.22 -7.28 -3.03
CA VAL A 197 -13.51 -7.46 -1.62
C VAL A 197 -14.24 -6.27 -1.02
N ASN A 198 -14.18 -5.11 -1.66
CA ASN A 198 -14.82 -3.90 -1.15
C ASN A 198 -15.82 -3.38 -2.17
N ALA A 199 -16.34 -4.28 -3.01
CA ALA A 199 -17.29 -3.86 -4.03
C ALA A 199 -18.54 -3.22 -3.45
N SER A 200 -18.80 -3.39 -2.16
CA SER A 200 -20.01 -2.82 -1.56
C SER A 200 -19.82 -1.37 -1.17
N SER A 201 -18.63 -0.84 -1.37
CA SER A 201 -18.27 0.53 -1.08
C SER A 201 -18.08 1.33 -2.37
N SER A 202 -18.25 2.64 -2.25
CA SER A 202 -18.03 3.53 -3.38
C SER A 202 -16.58 3.89 -3.56
N GLU A 203 -15.73 3.33 -2.70
CA GLU A 203 -14.30 3.48 -2.88
C GLU A 203 -13.89 3.05 -4.27
N ALA A 204 -12.90 3.74 -4.81
CA ALA A 204 -12.12 3.28 -5.95
C ALA A 204 -10.73 3.87 -5.83
N PHE A 205 -9.79 3.25 -6.53
CA PHE A 205 -8.47 3.83 -6.72
C PHE A 205 -8.41 4.45 -8.10
N LEU A 206 -8.21 5.76 -8.15
CA LEU A 206 -7.95 6.45 -9.40
C LEU A 206 -6.52 6.17 -9.79
N ILE A 207 -6.34 5.44 -10.89
CA ILE A 207 -5.03 4.96 -11.33
C ILE A 207 -4.62 5.77 -12.55
N GLY A 208 -3.46 6.41 -12.46
CA GLY A 208 -2.84 7.05 -13.61
C GLY A 208 -1.62 6.26 -14.05
N CYS A 209 -1.64 5.75 -15.27
CA CYS A 209 -0.62 4.84 -15.77
C CYS A 209 0.32 5.56 -16.75
N ASN A 210 1.59 5.68 -16.36
CA ASN A 210 2.66 6.30 -17.15
C ASN A 210 2.48 7.80 -17.37
N TYR A 211 3.06 8.58 -16.46
CA TYR A 211 2.90 10.03 -16.44
C TYR A 211 3.64 10.71 -17.59
N LEU A 212 3.00 11.70 -18.22
CA LEU A 212 3.57 12.39 -19.35
C LEU A 212 3.97 13.83 -19.07
N GLY A 213 3.64 14.36 -17.89
CA GLY A 213 3.93 15.73 -17.51
C GLY A 213 3.18 16.80 -18.27
N LYS A 214 2.27 16.43 -19.16
CA LYS A 214 1.41 17.38 -19.86
C LYS A 214 0.11 16.67 -20.20
N PRO A 215 -0.94 17.42 -20.56
CA PRO A 215 -2.24 16.79 -20.87
C PRO A 215 -2.29 16.06 -22.20
N ARG A 216 -2.36 14.73 -22.15
CA ARG A 216 -2.83 13.97 -23.30
C ARG A 216 -4.26 14.36 -23.67
N GLU A 217 -5.05 14.76 -22.69
CA GLU A 217 -6.49 14.83 -22.81
C GLU A 217 -6.98 15.82 -21.80
N GLN A 218 -7.97 16.63 -22.17
CA GLN A 218 -8.60 17.56 -21.23
C GLN A 218 -9.82 16.87 -20.64
N ILE A 219 -9.83 16.76 -19.32
CA ILE A 219 -10.87 16.06 -18.57
C ILE A 219 -11.47 17.08 -17.63
N ASP A 220 -12.79 17.19 -17.65
CA ASP A 220 -13.56 17.97 -16.68
C ASP A 220 -13.82 17.06 -15.48
N GLY A 221 -13.15 17.36 -14.37
CA GLY A 221 -13.18 16.45 -13.24
C GLY A 221 -14.51 16.38 -12.54
N TYR A 222 -15.30 17.44 -12.62
CA TYR A 222 -16.66 17.40 -12.08
C TYR A 222 -17.51 16.42 -12.86
N VAL A 223 -17.50 16.52 -14.19
CA VAL A 223 -18.24 15.58 -15.01
C VAL A 223 -17.72 14.16 -14.79
N MET A 224 -16.42 14.02 -14.63
CA MET A 224 -15.87 12.67 -14.61
C MET A 224 -16.22 11.96 -13.31
N HIS A 225 -16.30 12.69 -12.20
CA HIS A 225 -16.74 12.02 -10.98
C HIS A 225 -18.21 11.66 -11.08
N ALA A 226 -19.00 12.52 -11.74
CA ALA A 226 -20.40 12.20 -12.00
C ALA A 226 -20.52 10.95 -12.85
N ASN A 227 -19.61 10.80 -13.82
CA ASN A 227 -19.63 9.60 -14.63
C ASN A 227 -19.27 8.37 -13.81
N TYR A 228 -18.32 8.51 -12.88
CA TYR A 228 -17.90 7.38 -12.09
C TYR A 228 -19.04 6.92 -11.21
N ILE A 229 -19.73 7.86 -10.56
CA ILE A 229 -20.84 7.52 -9.68
C ILE A 229 -21.99 6.90 -10.48
N PHE A 230 -22.22 7.41 -11.67
CA PHE A 230 -23.22 6.82 -12.56
C PHE A 230 -22.90 5.36 -12.85
N TRP A 231 -21.65 5.07 -13.23
CA TRP A 231 -21.20 3.70 -13.41
C TRP A 231 -21.51 2.84 -12.17
N ARG A 232 -21.03 3.27 -11.00
CA ARG A 232 -21.23 2.47 -9.80
C ARG A 232 -22.70 2.31 -9.47
N ASN A 233 -23.50 3.35 -9.67
CA ASN A 233 -24.94 3.27 -9.41
C ASN A 233 -25.66 2.31 -10.34
N THR A 234 -25.15 2.07 -11.56
CA THR A 234 -25.89 1.22 -12.48
C THR A 234 -25.21 -0.10 -12.73
N ASN A 235 -24.06 -0.37 -12.07
CA ASN A 235 -23.37 -1.64 -12.20
C ASN A 235 -23.02 -2.24 -10.85
N PRO A 236 -23.99 -2.83 -10.18
CA PRO A 236 -23.68 -3.57 -8.95
C PRO A 236 -22.60 -4.61 -9.20
N ILE A 237 -21.63 -4.64 -8.29
CA ILE A 237 -20.49 -5.56 -8.34
C ILE A 237 -20.67 -6.52 -7.18
N GLN A 238 -20.52 -7.80 -7.46
CA GLN A 238 -20.73 -8.83 -6.44
C GLN A 238 -19.45 -8.94 -5.63
N LEU A 239 -19.58 -8.79 -4.32
CA LEU A 239 -18.46 -9.02 -3.43
C LEU A 239 -17.81 -10.33 -3.80
N SER A 240 -16.47 -10.33 -3.89
CA SER A 240 -15.72 -11.54 -4.20
C SER A 240 -14.34 -11.45 -3.60
N SER A 241 -13.88 -12.57 -3.02
CA SER A 241 -12.48 -12.68 -2.62
C SER A 241 -11.76 -13.80 -3.35
N TYR A 242 -12.31 -14.29 -4.48
CA TYR A 242 -11.72 -15.41 -5.20
C TYR A 242 -10.25 -15.22 -5.51
N SER A 243 -9.89 -14.01 -5.97
CA SER A 243 -8.53 -13.80 -6.48
C SER A 243 -7.50 -13.82 -5.38
N LEU A 244 -7.93 -13.63 -4.12
CA LEU A 244 -6.99 -13.69 -3.01
C LEU A 244 -6.33 -15.05 -2.88
N PHE A 245 -6.94 -16.07 -3.48
CA PHE A 245 -6.49 -17.44 -3.29
C PHE A 245 -5.48 -17.88 -4.32
N ASP A 246 -5.04 -17.00 -5.21
CA ASP A 246 -4.00 -17.35 -6.16
C ASP A 246 -2.96 -16.24 -6.15
N MET A 247 -1.87 -16.51 -5.45
CA MET A 247 -0.76 -15.60 -5.29
C MET A 247 0.46 -16.06 -6.06
N SER A 248 0.28 -17.05 -6.95
CA SER A 248 1.43 -17.62 -7.64
C SER A 248 2.14 -16.58 -8.51
N LYS A 249 1.38 -15.67 -9.13
CA LYS A 249 1.94 -14.66 -10.03
C LYS A 249 1.86 -13.24 -9.47
N PHE A 250 1.95 -13.08 -8.15
CA PHE A 250 1.69 -11.79 -7.54
C PHE A 250 2.83 -10.78 -7.64
N PRO A 251 4.06 -11.17 -7.40
CA PRO A 251 5.17 -10.20 -7.44
C PRO A 251 5.24 -9.40 -8.73
N LEU A 252 5.52 -8.11 -8.56
CA LEU A 252 5.75 -7.24 -9.71
C LEU A 252 6.98 -7.70 -10.47
N LYS A 253 6.83 -7.89 -11.77
N LYS A 253 6.82 -7.91 -11.77
CA LYS A 253 7.96 -8.24 -12.62
CA LYS A 253 7.95 -8.23 -12.62
C LYS A 253 8.96 -7.10 -12.63
C LYS A 253 8.95 -7.08 -12.61
N LEU A 254 10.20 -7.37 -12.25
CA LEU A 254 11.26 -6.36 -12.30
C LEU A 254 11.66 -6.26 -13.76
N ARG A 255 11.18 -5.21 -14.46
CA ARG A 255 11.44 -5.09 -15.89
C ARG A 255 12.78 -4.42 -16.18
N GLY A 256 13.46 -3.90 -15.17
CA GLY A 256 14.72 -3.23 -15.45
C GLY A 256 14.56 -1.95 -16.20
N THR A 257 13.39 -1.33 -16.10
CA THR A 257 13.09 -0.17 -16.92
C THR A 257 14.21 0.86 -16.82
N ALA A 258 14.61 1.37 -17.97
CA ALA A 258 15.68 2.36 -18.05
C ALA A 258 15.28 3.66 -17.37
N VAL A 259 16.28 4.35 -16.80
CA VAL A 259 16.10 5.67 -16.19
C VAL A 259 17.08 6.66 -16.83
N MET A 260 16.54 7.71 -17.42
CA MET A 260 17.36 8.78 -17.99
C MET A 260 17.03 10.11 -17.34
N SER A 261 18.05 10.96 -17.24
CA SER A 261 17.92 12.28 -16.65
C SER A 261 17.99 13.35 -17.75
N LEU A 262 16.96 13.36 -18.61
CA LEU A 262 16.71 14.34 -19.65
C LEU A 262 16.08 15.63 -19.12
N LYS A 263 16.15 16.69 -19.93
CA LYS A 263 15.57 18.00 -19.67
C LYS A 263 14.41 18.27 -20.63
N GLU A 264 13.56 19.25 -20.26
CA GLU A 264 12.24 19.33 -20.89
C GLU A 264 12.33 19.47 -22.41
N GLY A 265 13.37 20.13 -22.92
CA GLY A 265 13.52 20.23 -24.36
C GLY A 265 13.77 18.92 -25.06
N GLN A 266 14.44 17.98 -24.40
CA GLN A 266 14.79 16.72 -25.04
C GLN A 266 13.62 15.73 -25.15
N ILE A 267 12.44 16.02 -24.58
CA ILE A 267 11.32 15.08 -24.64
C ILE A 267 10.64 15.17 -26.01
N ASN A 268 11.06 14.34 -26.95
CA ASN A 268 10.45 14.31 -28.27
C ASN A 268 9.31 13.28 -28.30
N ASP A 269 8.62 13.20 -29.45
CA ASP A 269 7.48 12.26 -29.56
C ASP A 269 7.93 10.82 -29.33
N MET A 270 9.17 10.50 -29.68
CA MET A 270 9.66 9.15 -29.50
C MET A 270 9.92 8.82 -28.04
N ILE A 271 10.45 9.79 -27.27
CA ILE A 271 10.54 9.63 -25.83
C ILE A 271 9.15 9.45 -25.25
N LEU A 272 8.22 10.31 -25.69
CA LEU A 272 6.85 10.23 -25.19
C LEU A 272 6.23 8.89 -25.51
N SER A 273 6.65 8.25 -26.59
CA SER A 273 6.13 6.93 -26.92
C SER A 273 6.65 5.89 -25.95
N LEU A 274 7.94 5.98 -25.61
CA LEU A 274 8.52 5.05 -24.66
C LEU A 274 7.90 5.21 -23.29
N LEU A 275 7.62 6.46 -22.89
CA LEU A 275 6.99 6.71 -21.60
C LEU A 275 5.61 6.08 -21.56
N SER A 276 4.82 6.36 -22.60
CA SER A 276 3.49 5.81 -22.78
C SER A 276 3.45 4.31 -22.65
N LYS A 277 4.54 3.61 -23.02
CA LYS A 277 4.54 2.15 -23.08
C LYS A 277 5.08 1.51 -21.80
N GLY A 278 5.47 2.30 -20.81
CA GLY A 278 6.07 1.72 -19.63
C GLY A 278 7.50 1.29 -19.82
N ARG A 279 8.18 1.84 -20.84
CA ARG A 279 9.51 1.38 -21.19
C ARG A 279 10.59 2.37 -20.78
N LEU A 280 10.22 3.48 -20.10
CA LEU A 280 11.19 4.50 -19.75
C LEU A 280 10.73 5.33 -18.53
N ILE A 281 11.69 5.64 -17.64
CA ILE A 281 11.48 6.58 -16.54
C ILE A 281 12.45 7.75 -16.71
N ILE A 282 11.96 8.96 -16.46
CA ILE A 282 12.77 10.18 -16.63
C ILE A 282 12.76 10.93 -15.31
N ARG A 283 13.93 10.99 -14.69
CA ARG A 283 14.16 11.63 -13.39
C ARG A 283 15.64 11.50 -13.08
N GLU A 284 16.08 12.29 -12.11
CA GLU A 284 17.41 12.11 -11.51
C GLU A 284 17.49 10.74 -10.84
N ASN A 285 18.67 10.15 -10.83
CA ASN A 285 18.87 8.88 -10.13
C ASN A 285 19.76 9.06 -8.91
N ASN A 286 19.59 10.18 -8.21
CA ASN A 286 20.40 10.45 -7.02
C ASN A 286 19.83 9.72 -5.81
N ARG A 287 20.21 10.16 -4.62
CA ARG A 287 19.86 9.47 -3.39
C ARG A 287 18.53 10.02 -2.87
N VAL A 288 17.79 9.16 -2.20
CA VAL A 288 16.45 9.50 -1.75
C VAL A 288 16.53 10.21 -0.40
N VAL A 289 15.97 11.42 -0.34
CA VAL A 289 16.03 12.25 0.85
C VAL A 289 14.64 12.79 1.06
N ILE A 290 14.12 12.62 2.27
CA ILE A 290 12.78 13.06 2.59
C ILE A 290 12.81 13.86 3.89
N SER A 291 11.76 14.59 4.15
CA SER A 291 11.68 15.27 5.43
C SER A 291 10.23 15.62 5.68
N SER A 292 9.93 15.96 6.93
CA SER A 292 8.63 16.43 7.35
C SER A 292 8.78 17.75 8.11
N ASP A 293 8.01 18.76 7.72
CA ASP A 293 8.04 20.05 8.43
C ASP A 293 7.36 19.95 9.79
N VAL A 294 8.04 20.46 10.82
CA VAL A 294 7.56 20.44 12.20
C VAL A 294 7.28 21.85 12.66
N LEU A 295 6.04 22.11 13.07
CA LEU A 295 5.69 23.39 13.67
C LEU A 295 6.16 23.44 15.11
N VAL A 296 6.88 24.49 15.48
CA VAL A 296 7.42 24.62 16.82
C VAL A 296 6.60 25.62 17.62
N ASN A 297 6.22 25.23 18.84
CA ASN A 297 5.45 26.07 19.76
C ASN A 297 5.87 25.81 21.20
N ASN A 298 5.90 26.88 22.00
CA ASN A 298 6.20 26.83 23.44
C ASN A 298 4.95 27.26 24.20
N GLU A 299 4.29 26.30 24.86
CA GLU A 299 2.99 26.53 25.50
C GLU A 299 3.06 27.22 26.87
N ASN A 300 4.25 27.37 27.46
CA ASN A 300 4.38 28.01 28.78
C ASN A 300 4.08 29.50 28.64
N LEU A 301 2.99 29.97 29.25
CA LEU A 301 2.50 31.32 28.93
C LEU A 301 3.47 32.38 29.43
N ALA B 19 21.90 1.38 35.15
CA ALA B 19 21.74 0.08 35.79
C ALA B 19 20.29 -0.45 35.65
N PHE B 20 19.33 0.46 35.46
CA PHE B 20 17.92 0.07 35.37
C PHE B 20 17.45 0.10 33.93
N ALA B 21 16.70 -0.95 33.54
CA ALA B 21 16.12 -1.02 32.21
C ALA B 21 14.86 -1.87 32.28
N VAL B 22 13.78 -1.35 31.69
CA VAL B 22 12.58 -2.17 31.51
C VAL B 22 12.94 -3.46 30.80
N ASP B 23 12.47 -4.59 31.33
CA ASP B 23 12.61 -5.89 30.66
C ASP B 23 11.29 -6.19 29.95
N ALA B 24 11.17 -5.73 28.71
CA ALA B 24 9.89 -5.90 28.04
C ALA B 24 9.59 -7.36 27.78
N ALA B 25 10.60 -8.12 27.34
CA ALA B 25 10.40 -9.54 27.09
C ALA B 25 9.80 -10.22 28.31
N LYS B 26 10.45 -10.07 29.46
CA LYS B 26 9.96 -10.76 30.66
C LYS B 26 8.54 -10.34 31.00
N ALA B 27 8.20 -9.07 30.89
CA ALA B 27 6.84 -8.64 31.17
C ALA B 27 5.82 -9.40 30.29
N TYR B 28 6.11 -9.52 28.99
CA TYR B 28 5.13 -10.15 28.12
C TYR B 28 5.05 -11.65 28.39
N LYS B 29 6.22 -12.31 28.54
CA LYS B 29 6.24 -13.73 28.85
C LYS B 29 5.43 -14.03 30.11
N ASP B 30 5.59 -13.20 31.15
CA ASP B 30 4.83 -13.43 32.37
C ASP B 30 3.34 -13.15 32.17
N TYR B 31 3.02 -12.04 31.51
CA TYR B 31 1.61 -11.74 31.23
C TYR B 31 0.95 -12.90 30.47
N LEU B 32 1.63 -13.44 29.47
CA LEU B 32 1.08 -14.58 28.76
C LEU B 32 0.76 -15.72 29.73
N ALA B 33 1.72 -16.05 30.60
CA ALA B 33 1.55 -17.20 31.49
C ALA B 33 0.43 -16.97 32.48
N SER B 34 0.22 -15.75 32.90
CA SER B 34 -0.92 -15.37 33.68
C SER B 34 -2.23 -15.37 32.88
N GLY B 35 -2.27 -15.97 31.70
CA GLY B 35 -3.49 -16.03 30.91
C GLY B 35 -3.91 -14.72 30.26
N GLY B 36 -2.98 -13.81 30.00
CA GLY B 36 -3.32 -12.61 29.26
C GLY B 36 -3.46 -12.86 27.76
N GLN B 37 -4.33 -12.04 27.13
CA GLN B 37 -4.57 -12.12 25.68
C GLN B 37 -3.32 -11.74 24.90
N PRO B 38 -2.84 -12.58 23.99
CA PRO B 38 -1.74 -12.18 23.12
C PRO B 38 -2.00 -10.89 22.32
N ILE B 39 -0.93 -10.15 22.10
CA ILE B 39 -0.97 -9.01 21.18
C ILE B 39 -1.64 -9.42 19.89
N THR B 40 -2.59 -8.60 19.45
CA THR B 40 -3.30 -8.80 18.21
C THR B 40 -2.83 -7.85 17.11
N ASN B 41 -3.49 -7.97 15.96
CA ASN B 41 -3.30 -7.13 14.78
C ASN B 41 -1.94 -7.30 14.15
N CYS B 42 -1.26 -8.41 14.45
CA CYS B 42 -0.15 -8.84 13.62
C CYS B 42 -0.67 -8.99 12.19
N VAL B 43 0.15 -8.57 11.24
CA VAL B 43 -0.30 -8.41 9.86
C VAL B 43 0.01 -9.69 9.08
N LYS B 44 -1.03 -10.49 8.81
CA LYS B 44 -0.86 -11.75 8.11
C LYS B 44 -0.99 -11.54 6.60
N MET B 45 -0.06 -12.14 5.85
CA MET B 45 0.06 -11.97 4.42
C MET B 45 -0.65 -13.10 3.68
N LEU B 46 -1.18 -12.77 2.50
CA LEU B 46 -1.59 -13.75 1.52
C LEU B 46 -0.37 -14.25 0.77
N CYS B 47 -0.23 -15.56 0.67
CA CYS B 47 0.93 -16.17 0.02
C CYS B 47 0.53 -17.58 -0.44
N THR B 48 1.40 -18.20 -1.23
CA THR B 48 1.13 -19.53 -1.79
C THR B 48 1.26 -20.65 -0.78
N HIS B 49 2.04 -20.45 0.28
CA HIS B 49 2.36 -21.47 1.27
C HIS B 49 3.16 -22.61 0.64
N THR B 50 4.00 -22.28 -0.33
CA THR B 50 4.92 -23.20 -0.97
C THR B 50 6.33 -22.64 -0.86
N GLY B 51 6.61 -21.92 0.22
CA GLY B 51 7.87 -21.26 0.40
C GLY B 51 8.89 -22.14 1.10
N THR B 52 10.09 -21.58 1.31
CA THR B 52 11.17 -22.36 1.87
C THR B 52 10.92 -22.78 3.30
N GLY B 53 10.10 -22.05 4.04
CA GLY B 53 9.88 -22.30 5.45
C GLY B 53 10.81 -21.57 6.40
N GLN B 54 11.81 -20.85 5.89
CA GLN B 54 12.76 -20.17 6.76
C GLN B 54 12.07 -19.12 7.63
N ALA B 55 12.75 -18.72 8.70
CA ALA B 55 12.04 -17.99 9.74
C ALA B 55 11.80 -16.54 9.33
N ILE B 56 12.81 -15.89 8.78
CA ILE B 56 12.75 -14.45 8.56
C ILE B 56 13.27 -14.18 7.16
N THR B 57 12.37 -13.76 6.26
CA THR B 57 12.65 -13.67 4.84
C THR B 57 12.30 -12.29 4.31
N VAL B 58 12.81 -11.99 3.12
CA VAL B 58 12.59 -10.67 2.52
C VAL B 58 11.22 -10.59 1.84
N THR B 59 10.61 -11.72 1.54
CA THR B 59 9.25 -11.83 1.04
C THR B 59 8.64 -13.03 1.72
N PRO B 60 7.31 -13.16 1.75
CA PRO B 60 6.69 -14.26 2.48
C PRO B 60 7.13 -15.64 1.97
N GLU B 61 7.52 -16.54 2.91
CA GLU B 61 8.02 -17.87 2.58
C GLU B 61 7.31 -18.99 3.33
N ALA B 62 6.12 -18.76 3.85
CA ALA B 62 5.40 -19.83 4.51
C ALA B 62 5.34 -21.09 3.66
N ASN B 63 5.57 -22.23 4.31
CA ASN B 63 5.23 -23.54 3.75
C ASN B 63 3.81 -23.92 4.20
N MET B 64 3.42 -25.19 4.02
CA MET B 64 2.04 -25.60 4.35
C MET B 64 1.79 -25.62 5.86
N ASP B 65 2.84 -25.50 6.67
CA ASP B 65 2.71 -25.51 8.12
C ASP B 65 2.79 -24.13 8.75
N GLN B 66 2.94 -23.07 7.96
CA GLN B 66 3.28 -21.76 8.50
C GLN B 66 2.34 -20.69 7.99
N GLU B 67 2.24 -19.61 8.74
CA GLU B 67 1.66 -18.38 8.23
C GLU B 67 2.80 -17.38 8.14
N SER B 68 2.70 -16.49 7.16
CA SER B 68 3.66 -15.42 6.94
C SER B 68 3.06 -14.11 7.43
N PHE B 69 3.84 -13.33 8.20
CA PHE B 69 3.38 -12.06 8.72
C PHE B 69 4.37 -10.95 8.36
N GLY B 70 3.87 -9.72 8.29
CA GLY B 70 4.75 -8.58 8.27
C GLY B 70 5.55 -8.52 9.54
N GLY B 71 6.86 -8.35 9.41
CA GLY B 71 7.76 -8.34 10.54
C GLY B 71 7.44 -7.35 11.63
N ALA B 72 7.40 -6.07 11.28
CA ALA B 72 7.28 -5.04 12.31
C ALA B 72 6.11 -5.35 13.22
N SER B 73 4.95 -5.68 12.64
CA SER B 73 3.77 -5.97 13.45
C SER B 73 3.95 -7.17 14.37
N CYS B 74 5.01 -7.95 14.20
CA CYS B 74 5.28 -9.10 15.05
C CYS B 74 6.45 -8.89 16.01
N CYS B 75 6.95 -7.68 16.11
CA CYS B 75 8.13 -7.40 16.93
C CYS B 75 7.65 -6.71 18.18
N LEU B 76 8.07 -7.23 19.34
CA LEU B 76 7.53 -6.72 20.59
C LEU B 76 7.96 -5.28 20.82
N TYR B 77 9.16 -4.94 20.39
CA TYR B 77 9.71 -3.61 20.63
C TYR B 77 9.10 -2.59 19.68
N CYS B 78 9.00 -2.96 18.40
CA CYS B 78 8.26 -2.16 17.44
C CYS B 78 6.85 -1.87 17.95
N ARG B 79 6.12 -2.89 18.34
CA ARG B 79 4.72 -2.72 18.70
C ARG B 79 4.52 -1.99 20.03
N CYS B 80 5.50 -2.01 20.95
CA CYS B 80 5.34 -1.36 22.24
C CYS B 80 6.01 0.01 22.30
N HIS B 81 6.65 0.46 21.22
CA HIS B 81 7.26 1.79 21.13
C HIS B 81 8.39 1.94 22.15
N ILE B 82 9.22 0.90 22.25
CA ILE B 82 10.35 0.88 23.16
C ILE B 82 11.59 0.54 22.35
N ASP B 83 12.76 0.76 22.96
CA ASP B 83 14.02 0.58 22.24
C ASP B 83 14.32 -0.90 22.01
N HIS B 84 15.07 -1.19 20.99
CA HIS B 84 15.39 -2.56 20.66
C HIS B 84 16.63 -3.04 21.44
N PRO B 85 16.77 -4.34 21.68
CA PRO B 85 17.95 -4.81 22.41
C PRO B 85 19.26 -4.61 21.66
N ASN B 86 19.29 -4.89 20.37
CA ASN B 86 20.49 -4.58 19.59
C ASN B 86 21.00 -3.21 20.03
N PRO B 87 22.31 -3.07 20.34
CA PRO B 87 22.79 -1.78 20.86
C PRO B 87 22.64 -0.63 19.88
N LYS B 88 22.80 -0.86 18.58
CA LYS B 88 22.56 0.16 17.57
C LYS B 88 21.08 0.28 17.19
N GLY B 89 20.17 -0.33 17.97
CA GLY B 89 18.75 -0.22 17.77
C GLY B 89 18.18 -0.94 16.57
N PHE B 90 18.94 -1.83 15.94
CA PHE B 90 18.48 -2.52 14.72
C PHE B 90 17.43 -3.57 15.06
N CYS B 91 16.37 -3.62 14.26
CA CYS B 91 15.32 -4.61 14.44
C CYS B 91 15.51 -5.75 13.46
N ASP B 92 15.35 -6.97 13.95
CA ASP B 92 15.48 -8.13 13.08
C ASP B 92 14.27 -8.35 12.17
N LEU B 93 13.09 -7.85 12.53
CA LEU B 93 11.86 -8.22 11.84
C LEU B 93 11.36 -7.14 10.88
N LYS B 94 11.52 -5.88 11.25
CA LYS B 94 10.97 -4.77 10.49
C LYS B 94 11.49 -4.78 9.07
N GLY B 95 10.57 -4.74 8.11
CA GLY B 95 10.94 -4.69 6.71
C GLY B 95 11.08 -6.05 6.10
N LYS B 96 10.82 -7.10 6.86
CA LYS B 96 10.91 -8.47 6.39
C LYS B 96 9.60 -9.18 6.74
N TYR B 97 9.56 -10.49 6.53
CA TYR B 97 8.40 -11.31 6.81
C TYR B 97 8.86 -12.41 7.73
N VAL B 98 8.10 -12.67 8.78
CA VAL B 98 8.41 -13.75 9.71
C VAL B 98 7.41 -14.87 9.47
N GLN B 99 7.94 -16.07 9.30
CA GLN B 99 7.11 -17.26 9.17
C GLN B 99 6.82 -17.83 10.54
N ILE B 100 5.55 -18.13 10.83
CA ILE B 100 5.12 -18.58 12.14
C ILE B 100 4.39 -19.90 11.98
N PRO B 101 4.75 -20.95 12.73
CA PRO B 101 3.97 -22.20 12.64
C PRO B 101 2.50 -21.92 12.86
N THR B 102 1.67 -22.58 12.08
CA THR B 102 0.24 -22.30 12.11
C THR B 102 -0.33 -22.58 13.48
N THR B 103 0.28 -23.49 14.21
CA THR B 103 -0.11 -23.82 15.57
C THR B 103 0.24 -22.73 16.58
N CYS B 104 1.01 -21.73 16.21
CA CYS B 104 1.31 -20.62 17.12
C CYS B 104 0.88 -19.27 16.57
N ALA B 105 0.22 -19.23 15.40
CA ALA B 105 -0.10 -17.95 14.77
C ALA B 105 -1.12 -17.15 15.55
N ASN B 106 -1.63 -17.68 16.67
CA ASN B 106 -2.45 -16.88 17.58
C ASN B 106 -1.63 -15.88 18.38
N ASP B 107 -0.30 -15.99 18.35
CA ASP B 107 0.58 -15.13 19.14
C ASP B 107 1.93 -15.01 18.45
N PRO B 108 1.96 -14.38 17.28
CA PRO B 108 3.25 -14.23 16.58
C PRO B 108 4.30 -13.50 17.41
N VAL B 109 3.91 -12.50 18.20
CA VAL B 109 4.87 -11.75 18.99
C VAL B 109 5.54 -12.65 20.01
N GLY B 110 4.75 -13.35 20.81
CA GLY B 110 5.30 -14.32 21.73
C GLY B 110 6.18 -15.34 21.04
N PHE B 111 5.75 -15.88 19.91
CA PHE B 111 6.56 -16.89 19.26
C PHE B 111 7.95 -16.35 18.96
N THR B 112 8.04 -15.17 18.33
CA THR B 112 9.36 -14.69 17.89
C THR B 112 10.23 -14.33 19.10
N LEU B 113 9.61 -13.85 20.17
CA LEU B 113 10.33 -13.57 21.41
C LEU B 113 10.94 -14.83 22.00
N LYS B 114 10.09 -15.86 22.25
CA LYS B 114 10.49 -17.12 22.85
C LYS B 114 11.32 -18.05 21.94
N ASN B 115 11.65 -17.70 20.70
CA ASN B 115 12.26 -18.70 19.83
C ASN B 115 13.49 -18.17 19.12
N THR B 116 14.26 -19.09 18.56
CA THR B 116 15.55 -18.78 17.98
C THR B 116 15.64 -19.29 16.56
N VAL B 117 16.42 -18.55 15.77
CA VAL B 117 16.66 -18.84 14.36
C VAL B 117 18.04 -19.48 14.25
N CYS B 118 18.12 -20.62 13.56
CA CYS B 118 19.41 -21.26 13.36
C CYS B 118 20.27 -20.44 12.40
N THR B 119 21.47 -20.11 12.85
CA THR B 119 22.43 -19.35 12.05
C THR B 119 22.92 -20.11 10.81
N VAL B 120 22.59 -21.38 10.68
CA VAL B 120 23.12 -22.21 9.62
C VAL B 120 22.14 -22.39 8.50
N CYS B 121 20.93 -22.87 8.83
CA CYS B 121 19.91 -23.09 7.82
C CYS B 121 18.79 -22.06 7.82
N GLY B 122 18.75 -21.14 8.78
CA GLY B 122 17.74 -20.09 8.78
C GLY B 122 16.34 -20.53 9.15
N MET B 123 16.17 -21.75 9.66
CA MET B 123 14.87 -22.20 10.14
C MET B 123 14.78 -21.98 11.64
N TRP B 124 13.56 -21.97 12.14
CA TRP B 124 13.35 -21.84 13.58
C TRP B 124 13.90 -23.09 14.26
N LYS B 125 14.82 -22.89 15.20
CA LYS B 125 15.27 -24.00 16.03
C LYS B 125 14.06 -24.68 16.68
N GLY B 126 13.85 -25.95 16.36
CA GLY B 126 12.73 -26.68 16.91
C GLY B 126 11.46 -26.62 16.10
N TYR B 127 11.46 -25.90 14.99
CA TYR B 127 10.28 -25.76 14.14
C TYR B 127 10.70 -25.70 12.66
N GLY B 128 11.63 -26.59 12.29
CA GLY B 128 12.13 -26.64 10.94
C GLY B 128 13.59 -27.02 10.90
N CYS B 129 14.39 -26.50 11.83
CA CYS B 129 15.81 -26.85 11.90
C CYS B 129 15.97 -28.34 12.17
N SER B 130 16.76 -28.99 11.33
CA SER B 130 17.07 -30.41 11.44
C SER B 130 18.57 -30.64 11.29
N CYS B 131 19.37 -29.64 11.69
CA CYS B 131 20.81 -29.72 11.56
C CYS B 131 21.45 -30.77 12.47
N ASP B 132 20.66 -31.46 13.28
CA ASP B 132 21.13 -32.53 14.17
C ASP B 132 20.60 -33.87 13.67
N GLN B 133 21.32 -34.45 12.70
CA GLN B 133 20.94 -35.76 12.14
C GLN B 133 22.16 -36.50 11.58
O1 MES C . -1.83 -0.17 -19.53
C2 MES C . -2.46 0.65 -20.47
C3 MES C . -3.94 0.29 -20.47
N4 MES C . -4.10 -1.12 -20.93
C5 MES C . -3.29 -2.06 -20.12
C6 MES C . -1.87 -1.50 -20.02
C7 MES C . -5.54 -1.49 -20.99
C8 MES C . -6.24 -0.46 -21.84
S MES C . -7.92 -1.00 -22.34
O1S MES C . -8.27 0.21 -23.16
O2S MES C . -8.70 -1.17 -21.09
O3S MES C . -7.76 -2.31 -23.03
N SAM D . -3.76 2.38 4.39
CA SAM D . -4.13 2.03 5.75
C SAM D . -4.04 0.51 5.83
O SAM D . -3.21 -0.12 5.05
OXT SAM D . -4.74 -0.10 6.64
CB SAM D . -5.54 2.52 6.16
CG SAM D . -5.60 4.10 6.14
SD SAM D . -7.23 4.76 6.44
CE SAM D . -8.48 4.10 5.26
C5' SAM D . -7.12 6.58 6.06
C4' SAM D . -5.86 7.27 6.48
O4' SAM D . -5.68 8.42 5.91
C3' SAM D . -6.01 7.65 8.11
O3' SAM D . -5.06 6.72 8.72
C2' SAM D . -5.76 8.89 8.28
O2' SAM D . -4.96 9.13 9.49
C1' SAM D . -5.02 9.35 6.98
N9 SAM D . -5.18 10.64 6.69
C8 SAM D . -6.31 11.30 6.53
N7 SAM D . -6.07 12.58 6.26
C5 SAM D . -4.73 12.77 6.22
C6 SAM D . -3.85 13.91 5.99
N6 SAM D . -4.33 15.28 5.70
N1 SAM D . -2.54 13.74 6.03
C2 SAM D . -2.02 12.53 6.32
N3 SAM D . -2.77 11.46 6.56
C4 SAM D . -4.16 11.57 6.50
HN1 SAM D . -4.49 2.10 3.78
HN2 SAM D . -2.92 1.90 4.14
HA SAM D . -3.44 2.53 6.45
HB1 SAM D . -6.30 2.11 5.47
HB2 SAM D . -5.78 2.16 7.18
HG1 SAM D . -5.26 4.44 5.13
HG2 SAM D . -4.91 4.49 6.91
HE1 SAM D . -8.74 3.06 5.53
HE2 SAM D . -9.39 4.74 5.30
HE3 SAM D . -8.05 4.12 4.23
H5'1 SAM D . -7.92 7.05 6.54
H5'2 SAM D . -7.22 6.70 5.03
H4' SAM D . -5.01 6.65 6.26
H3' SAM D . -7.03 7.57 8.52
HO3' SAM D . -4.54 6.28 8.02
H2' SAM D . -6.67 9.43 8.37
HO2' SAM D . -4.03 9.02 9.28
H1' SAM D . -3.96 9.19 7.06
H8 SAM D . -7.25 10.86 6.61
HN61 SAM D . -3.67 16.06 5.55
HN62 SAM D . -5.31 15.45 5.66
H2 SAM D . -0.88 12.43 6.34
PA MGP E . -18.39 7.97 1.63
O1A MGP E . -17.63 7.75 2.86
O2A MGP E . -17.77 9.05 0.75
O3A MGP E . -18.43 6.66 0.70
O5' MGP E . -19.94 8.33 1.96
PB MGP E . -18.58 5.16 1.34
O1B MGP E . -19.05 4.30 0.18
O2B MGP E . -19.48 5.20 2.56
O3B MGP E . -17.05 4.83 1.80
PC MGP E . -16.41 3.70 2.79
O1C MGP E . -16.93 3.95 4.18
O2C MGP E . -14.90 3.96 2.70
O3C MGP E . -16.74 2.31 2.34
C5' MGP E . -20.28 9.26 2.97
C4' MGP E . -21.61 8.80 3.57
O4' MGP E . -22.61 8.83 2.29
C3' MGP E . -21.61 7.61 3.93
O3' MGP E . -21.30 7.37 5.35
C2' MGP E . -23.21 7.17 3.76
O2' MGP E . -23.90 7.73 4.86
C1' MGP E . -23.58 7.70 2.63
N9 MGP E . -23.47 6.76 1.52
C8 MGP E . -22.46 6.63 0.64
N7 MGP E . -22.74 5.68 -0.21
CM7 MGP E . -21.90 5.25 -1.32
C5 MGP E . -23.95 5.18 0.11
C6 MGP E . -24.83 4.08 -0.50
O6 MGP E . -24.46 3.49 -1.42
N1 MGP E . -26.09 3.80 0.10
C2 MGP E . -26.52 4.54 1.27
N2 MGP E . -27.78 4.31 1.90
N3 MGP E . -25.68 5.60 1.82
C4 MGP E . -24.39 5.88 1.20
H5' MGP E . -20.38 10.26 2.53
H5'A MGP E . -19.49 9.28 3.74
H4' MGP E . -21.89 9.40 4.42
H3' MGP E . -20.88 7.10 3.32
HO3' MGP E . -21.51 8.13 5.86
H2' MGP E . -23.37 6.11 3.71
HO2' MGP E . -24.03 8.66 4.71
H1' MGP E . -24.58 8.07 2.79
H8 MGP E . -21.55 7.24 0.65
HM7 MGP E . -22.50 5.19 -2.23
HM7A MGP E . -21.47 4.27 -1.10
HM7B MGP E . -21.09 5.96 -1.46
HN1 MGP E . -26.67 3.09 -0.27
HN2 MGP E . -28.41 3.59 1.56
HN2A MGP E . -28.04 4.84 2.71
C1 EDO F . -11.29 9.17 -20.91
O1 EDO F . -10.33 10.13 -20.52
C2 EDO F . -12.50 9.86 -21.51
O2 EDO F . -12.39 9.91 -22.91
H11 EDO F . -11.57 8.64 -20.16
H12 EDO F . -10.92 8.56 -21.58
HO1 EDO F . -10.72 10.70 -20.02
H21 EDO F . -12.54 10.75 -21.12
H22 EDO F . -13.28 9.38 -21.21
HO2 EDO F . -11.97 10.61 -23.13
C1 EDO G . -17.13 -12.98 -0.54
O1 EDO G . -18.30 -13.11 0.25
C2 EDO G . -16.52 -14.34 -0.78
O2 EDO G . -15.89 -14.44 -2.05
H11 EDO G . -16.48 -12.41 -0.10
H12 EDO G . -17.33 -12.56 -1.39
HO1 EDO G . -18.72 -12.38 0.21
H21 EDO G . -17.22 -14.99 -0.67
H22 EDO G . -15.89 -14.50 -0.06
HO2 EDO G . -16.49 -14.61 -2.63
C1 EDO H . -8.78 1.76 8.84
O1 EDO H . -8.46 2.59 9.95
C2 EDO H . -8.01 0.47 8.92
O2 EDO H . -8.25 -0.27 10.12
H11 EDO H . -8.56 2.20 8.00
H12 EDO H . -9.72 1.57 8.81
HO1 EDO H . -7.67 2.87 9.85
H21 EDO H . -7.07 0.70 8.83
H22 EDO H . -8.23 -0.05 8.13
HO2 EDO H . -7.72 -0.92 10.15
C1 EDO I . -5.76 -17.59 12.08
O1 EDO I . -7.10 -17.20 12.32
C2 EDO I . -4.84 -16.69 12.84
O2 EDO I . -3.65 -16.56 12.09
H11 EDO I . -5.54 -17.55 11.14
H12 EDO I . -5.60 -18.51 12.36
HO1 EDO I . -7.21 -16.42 12.02
H21 EDO I . -4.68 -17.06 13.73
H22 EDO I . -5.28 -15.83 12.97
HO2 EDO I . -3.36 -17.35 11.94
C1 EDO J . -4.28 -13.49 -9.79
O1 EDO J . -5.12 -14.25 -8.95
C2 EDO J . -5.00 -12.23 -10.25
O2 EDO J . -6.06 -12.56 -11.12
H11 EDO J . -4.02 -13.99 -10.57
H12 EDO J . -3.46 -13.24 -9.34
HO1 EDO J . -5.68 -14.68 -9.44
H21 EDO J . -4.34 -11.65 -10.67
H22 EDO J . -5.31 -11.77 -9.45
HO2 EDO J . -6.43 -11.85 -11.39
C1 EDO K . 16.16 -3.49 -6.67
O1 EDO K . 17.05 -2.91 -7.60
C2 EDO K . 15.13 -2.48 -6.20
O2 EDO K . 14.31 -1.97 -7.26
H11 EDO K . 16.64 -3.82 -5.90
H12 EDO K . 15.69 -4.25 -7.05
HO1 EDO K . 17.51 -2.32 -7.21
H21 EDO K . 15.61 -1.78 -5.74
H22 EDO K . 14.59 -2.93 -5.51
HO2 EDO K . 13.66 -1.55 -6.92
C1 EDO L . -4.92 19.90 -12.97
O1 EDO L . -4.35 20.55 -11.86
C2 EDO L . -4.82 20.77 -14.20
O2 EDO L . -3.55 20.69 -14.79
H11 EDO L . -5.85 19.68 -12.82
H12 EDO L . -4.46 19.05 -13.16
HO1 EDO L . -3.55 20.75 -12.05
H21 EDO L . -5.03 21.67 -13.92
H22 EDO L . -5.53 20.49 -14.81
HO2 EDO L . -2.96 20.69 -14.18
C1 EDO M . -29.82 14.39 -5.20
O1 EDO M . -28.98 15.55 -5.07
C2 EDO M . -29.65 13.73 -6.56
O2 EDO M . -29.33 12.36 -6.42
H11 EDO M . -30.76 14.63 -5.09
H12 EDO M . -29.62 13.74 -4.52
HO1 EDO M . -29.23 15.97 -4.38
H21 EDO M . -28.96 14.23 -7.03
H22 EDO M . -30.48 13.87 -7.05
HO2 EDO M . -29.36 12.00 -7.19
C1 EDO N . 3.44 22.91 8.23
O1 EDO N . 3.73 22.80 9.62
C2 EDO N . 4.63 23.28 7.35
O2 EDO N . 4.60 22.72 6.03
H11 EDO N . 2.75 23.57 8.08
H12 EDO N . 3.09 22.07 7.90
HO1 EDO N . 3.11 22.38 9.99
H21 EDO N . 5.42 22.99 7.84
H22 EDO N . 4.66 24.25 7.32
HO2 EDO N . 4.49 21.88 6.10
ZN ZN O . 11.29 -4.24 15.89
ZN ZN P . 19.77 -25.33 11.38
C1 EDO Q . -2.71 -12.35 15.67
O1 EDO Q . -1.97 -11.16 15.91
C2 EDO Q . -3.17 -12.33 14.23
O2 EDO Q . -3.48 -10.99 13.80
H11 EDO Q . -3.48 -12.43 16.26
H12 EDO Q . -2.16 -13.14 15.82
HO1 EDO Q . -2.50 -10.50 15.82
H21 EDO Q . -3.95 -12.92 14.18
H22 EDO Q . -2.47 -12.73 13.70
HO2 EDO Q . -2.76 -10.56 13.73
C1 EDO R . 14.45 -14.36 17.56
O1 EDO R . 14.19 -14.23 18.95
C2 EDO R . 13.76 -13.29 16.72
O2 EDO R . 14.66 -12.28 16.33
H11 EDO R . 14.15 -15.23 17.24
H12 EDO R . 15.40 -14.30 17.38
HO1 EDO R . 14.60 -14.85 19.36
H21 EDO R . 13.02 -12.94 17.25
H22 EDO R . 13.37 -13.74 15.95
HO2 EDO R . 14.32 -11.86 15.67
#